data_2LR7
#
_entry.id   2LR7
#
_entity_poly.entity_id   1
_entity_poly.type   'polypeptide(L)'
_entity_poly.pdbx_seq_one_letter_code
;RKCNFLCKLKEKLRTVITSHIDKVLRPQG
;
_entity_poly.pdbx_strand_id   A
#
# COMPACT_ATOMS: atom_id res chain seq x y z
N ARG A 1 -2.28 -3.59 -7.36
CA ARG A 1 -1.79 -4.38 -8.51
C ARG A 1 -1.04 -3.49 -9.48
N LYS A 2 0.22 -3.81 -9.72
CA LYS A 2 1.07 -3.05 -10.64
C LYS A 2 2.47 -3.64 -10.65
N CYS A 3 2.97 -3.92 -9.47
CA CYS A 3 4.35 -4.30 -9.29
C CYS A 3 4.49 -5.44 -8.29
N ASN A 4 4.42 -5.12 -7.01
CA ASN A 4 4.59 -6.10 -5.95
C ASN A 4 4.26 -5.49 -4.59
N PHE A 5 4.57 -6.22 -3.53
CA PHE A 5 4.39 -5.72 -2.17
C PHE A 5 5.19 -4.45 -1.94
N LEU A 6 4.74 -3.62 -1.01
CA LEU A 6 5.38 -2.34 -0.72
C LEU A 6 5.53 -1.53 -2.00
N CYS A 7 4.41 -1.35 -2.71
CA CYS A 7 4.43 -0.72 -4.02
C CYS A 7 2.99 -0.43 -4.48
N LYS A 8 2.14 -1.45 -4.45
CA LYS A 8 0.72 -1.30 -4.72
C LYS A 8 -0.02 -2.57 -4.31
N LEU A 9 0.49 -3.20 -3.26
CA LEU A 9 -0.06 -4.45 -2.75
C LEU A 9 -0.03 -4.44 -1.22
N LYS A 10 1.03 -4.98 -0.65
CA LYS A 10 1.23 -4.91 0.80
C LYS A 10 2.01 -3.63 1.11
N GLU A 11 1.26 -2.56 1.25
CA GLU A 11 1.81 -1.19 1.29
C GLU A 11 2.58 -0.90 2.58
N LYS A 12 2.92 0.38 2.73
CA LYS A 12 3.77 0.83 3.82
C LYS A 12 3.25 2.15 4.41
N LEU A 13 3.54 3.25 3.73
CA LEU A 13 2.99 4.56 4.07
C LEU A 13 3.31 5.53 2.93
N ARG A 14 2.27 6.08 2.30
CA ARG A 14 2.51 7.00 1.19
C ARG A 14 1.28 7.87 0.93
N THR A 15 0.41 7.45 0.00
CA THR A 15 -0.74 8.28 -0.36
C THR A 15 -1.93 7.47 -0.89
N VAL A 16 -1.87 6.99 -2.12
CA VAL A 16 -3.00 6.27 -2.72
C VAL A 16 -2.55 5.05 -3.51
N ILE A 17 -1.68 5.26 -4.50
CA ILE A 17 -1.24 4.15 -5.33
C ILE A 17 -0.37 3.18 -4.52
N THR A 18 0.57 3.72 -3.74
CA THR A 18 1.40 2.91 -2.87
C THR A 18 0.78 2.82 -1.48
N SER A 19 -0.38 3.44 -1.34
CA SER A 19 -1.22 3.26 -0.17
C SER A 19 -2.56 2.64 -0.59
N HIS A 20 -2.50 1.60 -1.41
CA HIS A 20 -3.69 1.05 -2.01
C HIS A 20 -4.33 -0.04 -1.14
N ILE A 21 -3.62 -1.14 -0.92
CA ILE A 21 -4.19 -2.27 -0.20
C ILE A 21 -3.68 -2.34 1.24
N ASP A 22 -2.38 -2.64 1.37
CA ASP A 22 -1.71 -2.78 2.67
C ASP A 22 -2.04 -4.10 3.32
N LYS A 23 -1.25 -4.44 4.34
CA LYS A 23 -1.56 -5.58 5.19
C LYS A 23 -2.99 -5.46 5.72
N VAL A 24 -3.38 -4.22 6.08
CA VAL A 24 -4.73 -3.87 6.53
C VAL A 24 -4.69 -2.73 7.55
N LEU A 25 -3.56 -2.58 8.24
CA LEU A 25 -3.46 -1.64 9.36
C LEU A 25 -3.26 -0.20 8.90
N ARG A 26 -2.31 0.03 8.01
CA ARG A 26 -1.92 1.38 7.65
C ARG A 26 -1.27 1.46 6.27
N PRO A 27 -2.05 1.72 5.22
CA PRO A 27 -1.53 1.89 3.88
C PRO A 27 -0.84 3.24 3.70
N GLN A 28 -1.44 4.28 4.26
CA GLN A 28 -0.90 5.62 4.11
C GLN A 28 0.00 5.95 5.29
N GLY A 29 0.00 5.06 6.28
CA GLY A 29 0.83 5.25 7.44
C GLY A 29 0.02 5.29 8.71
N ARG A 1 -0.10 -0.86 -12.24
CA ARG A 1 1.16 -0.97 -13.00
C ARG A 1 2.38 -0.75 -12.08
N LYS A 2 2.31 -1.27 -10.86
CA LYS A 2 3.42 -1.16 -9.92
C LYS A 2 3.70 -2.52 -9.29
N CYS A 3 4.45 -2.49 -8.19
CA CYS A 3 4.82 -3.71 -7.47
C CYS A 3 3.68 -4.20 -6.57
N ASN A 4 3.98 -5.16 -5.72
CA ASN A 4 3.00 -5.71 -4.80
C ASN A 4 3.25 -5.21 -3.38
N PHE A 5 3.86 -6.06 -2.56
CA PHE A 5 4.05 -5.72 -1.16
C PHE A 5 5.02 -4.55 -1.00
N LEU A 6 4.69 -3.67 -0.06
CA LEU A 6 5.44 -2.43 0.16
C LEU A 6 5.43 -1.58 -1.11
N CYS A 7 4.29 -1.45 -1.75
CA CYS A 7 4.20 -0.74 -3.03
C CYS A 7 2.75 -0.49 -3.42
N LYS A 8 1.94 -1.51 -3.24
CA LYS A 8 0.50 -1.47 -3.50
C LYS A 8 -0.17 -2.38 -2.49
N LEU A 9 0.57 -3.40 -2.11
CA LEU A 9 0.27 -4.21 -0.95
C LEU A 9 1.22 -3.81 0.18
N LYS A 10 1.32 -4.68 1.19
CA LYS A 10 1.93 -4.39 2.50
C LYS A 10 1.74 -2.94 3.00
N GLU A 11 2.43 -1.98 2.34
CA GLU A 11 2.36 -0.54 2.67
C GLU A 11 3.50 -0.14 3.62
N LYS A 12 4.00 1.10 3.47
CA LYS A 12 5.16 1.56 4.23
C LYS A 12 5.06 3.06 4.57
N LEU A 13 3.84 3.53 4.80
CA LEU A 13 3.56 4.94 5.05
C LEU A 13 3.87 5.76 3.80
N ARG A 14 3.26 5.34 2.68
CA ARG A 14 3.46 6.02 1.41
C ARG A 14 2.18 6.76 1.01
N THR A 15 1.03 6.35 1.56
CA THR A 15 -0.22 7.03 1.36
C THR A 15 -0.52 7.31 -0.12
N VAL A 16 -0.99 6.27 -0.80
CA VAL A 16 -1.31 6.31 -2.22
C VAL A 16 -1.83 4.92 -2.61
N ILE A 17 -1.55 4.43 -3.82
CA ILE A 17 -1.97 3.07 -4.18
C ILE A 17 -1.21 2.04 -3.35
N THR A 18 -0.15 2.49 -2.69
CA THR A 18 0.59 1.67 -1.77
C THR A 18 -0.32 1.24 -0.62
N SER A 19 -0.97 2.23 -0.04
CA SER A 19 -1.97 1.99 0.99
C SER A 19 -3.34 1.69 0.37
N HIS A 20 -3.35 0.92 -0.71
CA HIS A 20 -4.60 0.56 -1.36
C HIS A 20 -5.04 -0.82 -0.88
N ILE A 21 -4.19 -1.80 -1.07
CA ILE A 21 -4.44 -3.13 -0.56
C ILE A 21 -3.93 -3.23 0.88
N ASP A 22 -2.66 -2.89 1.08
CA ASP A 22 -2.07 -2.82 2.43
C ASP A 22 -2.03 -4.21 3.08
N LYS A 23 -1.29 -4.34 4.18
CA LYS A 23 -1.36 -5.55 4.99
C LYS A 23 -2.67 -5.61 5.79
N VAL A 24 -3.67 -4.92 5.28
CA VAL A 24 -5.03 -4.91 5.84
C VAL A 24 -5.01 -4.45 7.30
N LEU A 25 -4.31 -3.35 7.54
CA LEU A 25 -4.25 -2.75 8.86
C LEU A 25 -4.50 -1.25 8.79
N ARG A 26 -3.94 -0.57 7.81
CA ARG A 26 -4.10 0.88 7.71
C ARG A 26 -4.04 1.42 6.28
N PRO A 27 -4.93 0.97 5.39
CA PRO A 27 -5.02 1.52 4.04
C PRO A 27 -5.61 2.93 4.05
N GLN A 28 -5.32 3.70 3.01
CA GLN A 28 -5.87 5.05 2.89
C GLN A 28 -6.03 5.47 1.43
N GLY A 29 -5.66 4.57 0.52
CA GLY A 29 -5.66 4.91 -0.88
C GLY A 29 -6.67 4.10 -1.65
N ARG A 1 0.00 -2.58 -11.02
CA ARG A 1 1.26 -2.27 -11.75
C ARG A 1 2.12 -1.33 -10.93
N LYS A 2 3.07 -1.90 -10.21
CA LYS A 2 3.93 -1.15 -9.31
C LYS A 2 4.93 -2.13 -8.70
N CYS A 3 5.48 -1.84 -7.53
CA CYS A 3 6.32 -2.80 -6.84
C CYS A 3 5.47 -3.84 -6.11
N ASN A 4 4.15 -3.72 -6.26
CA ASN A 4 3.17 -4.66 -5.68
C ASN A 4 3.17 -4.63 -4.16
N PHE A 5 3.97 -5.48 -3.55
CA PHE A 5 4.00 -5.59 -2.10
C PHE A 5 4.81 -4.46 -1.50
N LEU A 6 4.39 -4.03 -0.31
CA LEU A 6 4.95 -2.85 0.35
C LEU A 6 4.88 -1.67 -0.59
N CYS A 7 3.81 -1.61 -1.37
CA CYS A 7 3.63 -0.60 -2.39
C CYS A 7 2.17 -0.46 -2.81
N LYS A 8 1.35 -1.43 -2.43
CA LYS A 8 -0.04 -1.49 -2.84
C LYS A 8 -0.72 -2.68 -2.18
N LEU A 9 -0.14 -3.85 -2.40
CA LEU A 9 -0.58 -5.08 -1.76
C LEU A 9 -0.32 -4.98 -0.26
N LYS A 10 0.92 -4.71 0.09
CA LYS A 10 1.24 -4.26 1.44
C LYS A 10 1.65 -2.80 1.37
N GLU A 11 2.15 -2.25 2.46
CA GLU A 11 2.39 -0.82 2.52
C GLU A 11 3.83 -0.48 2.93
N LYS A 12 4.13 0.82 2.89
CA LYS A 12 5.41 1.35 3.36
C LYS A 12 5.26 2.83 3.70
N LEU A 13 4.01 3.25 3.91
CA LEU A 13 3.65 4.66 4.04
C LEU A 13 3.90 5.41 2.73
N ARG A 14 2.84 6.00 2.17
CA ARG A 14 2.95 6.75 0.92
C ARG A 14 1.65 7.47 0.60
N THR A 15 0.75 6.79 -0.10
CA THR A 15 -0.52 7.38 -0.50
C THR A 15 -1.45 6.29 -1.04
N VAL A 16 -2.59 6.67 -1.60
CA VAL A 16 -3.61 5.75 -2.08
C VAL A 16 -3.06 4.62 -2.98
N ILE A 17 -1.98 4.87 -3.72
CA ILE A 17 -1.40 3.81 -4.54
C ILE A 17 -0.96 2.66 -3.65
N THR A 18 -0.32 3.00 -2.54
CA THR A 18 0.15 2.03 -1.57
C THR A 18 -0.99 1.66 -0.64
N SER A 19 -1.69 2.70 -0.22
CA SER A 19 -2.86 2.55 0.63
C SER A 19 -4.07 2.09 -0.19
N HIS A 20 -3.79 1.36 -1.27
CA HIS A 20 -4.83 0.83 -2.14
C HIS A 20 -5.66 -0.22 -1.39
N ILE A 21 -4.99 -1.00 -0.57
CA ILE A 21 -5.65 -2.01 0.24
C ILE A 21 -4.78 -2.37 1.44
N ASP A 22 -3.48 -2.56 1.19
CA ASP A 22 -2.52 -2.88 2.24
C ASP A 22 -2.83 -4.23 2.90
N LYS A 23 -1.93 -4.70 3.75
CA LYS A 23 -2.19 -5.87 4.56
C LYS A 23 -3.42 -5.64 5.43
N VAL A 24 -3.58 -4.42 5.97
CA VAL A 24 -4.66 -4.14 6.92
C VAL A 24 -5.21 -2.72 6.78
N LEU A 25 -4.84 -2.05 5.69
CA LEU A 25 -5.26 -0.67 5.45
C LEU A 25 -4.70 0.24 6.56
N ARG A 26 -3.42 0.05 6.86
CA ARG A 26 -2.75 0.76 7.93
C ARG A 26 -2.13 2.10 7.48
N PRO A 27 -1.47 2.19 6.29
CA PRO A 27 -0.59 3.33 5.96
C PRO A 27 -1.32 4.67 6.00
N GLN A 28 -2.14 4.93 4.99
CA GLN A 28 -2.90 6.16 4.94
C GLN A 28 -4.37 5.83 5.09
N GLY A 29 -4.64 4.60 5.50
CA GLY A 29 -5.99 4.13 5.63
C GLY A 29 -6.55 4.44 7.01
N ARG A 1 4.52 4.31 -8.86
CA ARG A 1 4.69 2.99 -9.50
C ARG A 1 3.80 1.96 -8.81
N LYS A 2 3.23 1.05 -9.58
CA LYS A 2 2.36 0.02 -9.02
C LYS A 2 3.14 -1.25 -8.73
N CYS A 3 3.99 -1.20 -7.72
CA CYS A 3 4.72 -2.37 -7.28
C CYS A 3 3.78 -3.35 -6.57
N ASN A 4 4.25 -4.55 -6.33
CA ASN A 4 3.39 -5.61 -5.82
C ASN A 4 3.28 -5.55 -4.30
N PHE A 5 3.89 -6.52 -3.62
CA PHE A 5 3.85 -6.58 -2.17
C PHE A 5 4.68 -5.46 -1.59
N LEU A 6 4.26 -4.98 -0.42
CA LEU A 6 4.87 -3.81 0.20
C LEU A 6 4.86 -2.65 -0.78
N CYS A 7 3.66 -2.25 -1.17
CA CYS A 7 3.46 -1.19 -2.15
C CYS A 7 1.98 -0.95 -2.37
N LYS A 8 1.37 -1.68 -3.30
CA LYS A 8 -0.03 -1.51 -3.60
C LYS A 8 -0.78 -2.68 -2.98
N LEU A 9 -0.05 -3.76 -2.76
CA LEU A 9 -0.60 -4.97 -2.20
C LEU A 9 -0.36 -5.07 -0.69
N LYS A 10 0.85 -5.43 -0.28
CA LYS A 10 1.10 -5.69 1.14
C LYS A 10 1.62 -4.45 1.89
N GLU A 11 0.97 -3.33 1.62
CA GLU A 11 1.18 -2.06 2.35
C GLU A 11 2.59 -1.49 2.20
N LYS A 12 2.69 -0.17 2.34
CA LYS A 12 3.97 0.52 2.19
C LYS A 12 3.80 1.98 2.57
N LEU A 13 2.59 2.49 2.32
CA LEU A 13 2.16 3.82 2.78
C LEU A 13 2.67 4.93 1.88
N ARG A 14 1.75 5.78 1.45
CA ARG A 14 2.06 6.96 0.66
C ARG A 14 0.81 7.82 0.59
N THR A 15 -0.22 7.30 -0.07
CA THR A 15 -1.48 8.02 -0.20
C THR A 15 -2.65 7.03 -0.40
N VAL A 16 -2.69 6.37 -1.57
CA VAL A 16 -3.81 5.51 -1.93
C VAL A 16 -3.38 4.37 -2.86
N ILE A 17 -2.46 4.63 -3.77
CA ILE A 17 -1.97 3.56 -4.64
C ILE A 17 -0.95 2.73 -3.87
N THR A 18 -0.07 3.41 -3.16
CA THR A 18 0.95 2.76 -2.35
C THR A 18 0.41 2.53 -0.94
N SER A 19 -0.86 2.84 -0.79
CA SER A 19 -1.64 2.47 0.38
C SER A 19 -3.04 2.08 -0.10
N HIS A 20 -3.13 0.92 -0.74
CA HIS A 20 -4.32 0.56 -1.50
C HIS A 20 -5.09 -0.53 -0.79
N ILE A 21 -4.67 -1.78 -0.93
CA ILE A 21 -5.31 -2.86 -0.21
C ILE A 21 -4.58 -3.07 1.09
N ASP A 22 -3.25 -3.07 1.00
CA ASP A 22 -2.37 -3.15 2.15
C ASP A 22 -2.61 -4.42 2.97
N LYS A 23 -1.82 -4.60 4.01
CA LYS A 23 -1.97 -5.74 4.89
C LYS A 23 -2.94 -5.39 6.01
N VAL A 24 -3.45 -4.16 5.94
CA VAL A 24 -4.39 -3.62 6.90
C VAL A 24 -3.74 -3.57 8.29
N LEU A 25 -2.54 -3.02 8.35
CA LEU A 25 -1.87 -2.82 9.62
C LEU A 25 -2.08 -1.39 10.08
N ARG A 26 -1.63 -0.44 9.26
CA ARG A 26 -1.89 0.96 9.51
C ARG A 26 -1.89 1.79 8.22
N PRO A 27 -2.70 1.40 7.22
CA PRO A 27 -2.77 2.10 5.92
C PRO A 27 -3.24 3.55 6.08
N GLN A 28 -3.07 4.34 5.03
CA GLN A 28 -3.54 5.72 5.05
C GLN A 28 -4.31 6.05 3.79
N GLY A 29 -4.87 5.02 3.17
CA GLY A 29 -5.65 5.22 1.96
C GLY A 29 -7.14 5.17 2.24
N ARG A 1 5.08 1.60 -8.64
CA ARG A 1 4.89 0.98 -9.96
C ARG A 1 4.31 -0.44 -9.82
N LYS A 2 3.56 -0.65 -8.74
CA LYS A 2 2.89 -1.93 -8.49
C LYS A 2 3.88 -3.09 -8.41
N CYS A 3 4.87 -2.98 -7.53
CA CYS A 3 5.82 -4.05 -7.30
C CYS A 3 5.28 -5.05 -6.28
N ASN A 4 3.99 -5.38 -6.41
CA ASN A 4 3.31 -6.33 -5.54
C ASN A 4 3.19 -5.79 -4.10
N PHE A 5 3.99 -6.35 -3.21
CA PHE A 5 3.95 -5.98 -1.80
C PHE A 5 4.72 -4.69 -1.57
N LEU A 6 4.30 -3.92 -0.57
CA LEU A 6 4.84 -2.60 -0.31
C LEU A 6 4.79 -1.74 -1.58
N CYS A 7 3.68 -1.88 -2.32
CA CYS A 7 3.54 -1.21 -3.60
C CYS A 7 2.07 -1.03 -3.97
N LYS A 8 1.27 -2.07 -3.72
CA LYS A 8 -0.17 -1.99 -3.92
C LYS A 8 -0.89 -2.98 -3.03
N LEU A 9 -0.24 -4.12 -2.83
CA LEU A 9 -0.78 -5.19 -1.99
C LEU A 9 -0.64 -4.81 -0.53
N LYS A 10 0.58 -4.82 -0.05
CA LYS A 10 0.87 -4.26 1.27
C LYS A 10 1.43 -2.86 1.08
N GLU A 11 1.60 -2.16 2.19
CA GLU A 11 2.08 -0.80 2.12
C GLU A 11 3.03 -0.50 3.26
N LYS A 12 3.58 0.71 3.25
CA LYS A 12 4.64 1.07 4.16
C LYS A 12 4.60 2.58 4.46
N LEU A 13 3.44 3.04 4.91
CA LEU A 13 3.22 4.45 5.23
C LEU A 13 3.26 5.29 3.95
N ARG A 14 2.29 5.09 3.08
CA ARG A 14 2.23 5.83 1.83
C ARG A 14 1.00 6.72 1.72
N THR A 15 -0.02 6.26 1.00
CA THR A 15 -1.18 7.10 0.73
C THR A 15 -2.28 6.41 -0.09
N VAL A 16 -1.98 5.96 -1.31
CA VAL A 16 -3.03 5.54 -2.23
C VAL A 16 -2.70 4.25 -2.96
N ILE A 17 -1.72 4.30 -3.88
CA ILE A 17 -1.41 3.13 -4.69
C ILE A 17 -0.78 2.03 -3.83
N THR A 18 0.18 2.42 -3.03
CA THR A 18 0.83 1.50 -2.12
C THR A 18 -0.18 1.02 -1.10
N SER A 19 -0.85 1.97 -0.46
CA SER A 19 -1.92 1.64 0.47
C SER A 19 -3.25 1.54 -0.27
N HIS A 20 -3.29 0.69 -1.29
CA HIS A 20 -4.50 0.45 -2.06
C HIS A 20 -5.26 -0.72 -1.46
N ILE A 21 -4.60 -1.87 -1.42
CA ILE A 21 -5.13 -3.03 -0.72
C ILE A 21 -4.66 -2.98 0.73
N ASP A 22 -3.40 -2.56 0.88
CA ASP A 22 -2.75 -2.38 2.18
C ASP A 22 -2.48 -3.71 2.85
N LYS A 23 -1.63 -3.68 3.85
CA LYS A 23 -1.39 -4.87 4.64
C LYS A 23 -2.59 -5.16 5.53
N VAL A 24 -3.24 -4.11 6.06
CA VAL A 24 -4.37 -4.25 6.99
C VAL A 24 -5.19 -2.96 7.02
N LEU A 25 -5.09 -2.18 5.95
CA LEU A 25 -5.81 -0.91 5.82
C LEU A 25 -5.33 0.13 6.83
N ARG A 26 -4.19 0.74 6.54
CA ARG A 26 -3.68 1.85 7.33
C ARG A 26 -3.01 2.86 6.38
N PRO A 27 -3.79 3.49 5.50
CA PRO A 27 -3.27 4.42 4.50
C PRO A 27 -2.65 5.66 5.12
N GLN A 28 -1.50 6.05 4.59
CA GLN A 28 -0.84 7.31 4.95
C GLN A 28 -0.26 7.25 6.36
N GLY A 29 -0.19 6.05 6.91
CA GLY A 29 0.43 5.86 8.21
C GLY A 29 -0.58 5.77 9.33
N ARG A 1 -0.01 -1.77 -12.90
CA ARG A 1 1.42 -1.88 -13.27
C ARG A 1 2.29 -1.28 -12.17
N LYS A 2 2.57 -2.09 -11.15
CA LYS A 2 3.36 -1.67 -10.02
C LYS A 2 4.23 -2.83 -9.54
N CYS A 3 4.95 -2.64 -8.46
CA CYS A 3 5.83 -3.67 -7.92
C CYS A 3 5.01 -4.86 -7.41
N ASN A 4 4.51 -4.73 -6.19
CA ASN A 4 3.74 -5.76 -5.53
C ASN A 4 3.41 -5.30 -4.10
N PHE A 5 3.84 -6.07 -3.11
CA PHE A 5 3.71 -5.68 -1.71
C PHE A 5 4.62 -4.49 -1.41
N LEU A 6 4.26 -3.71 -0.40
CA LEU A 6 5.01 -2.50 -0.04
C LEU A 6 5.05 -1.53 -1.21
N CYS A 7 4.03 -1.59 -2.07
CA CYS A 7 4.04 -0.81 -3.30
C CYS A 7 2.62 -0.57 -3.81
N LYS A 8 1.71 -1.51 -3.50
CA LYS A 8 0.32 -1.42 -3.95
C LYS A 8 -0.51 -2.49 -3.26
N LEU A 9 0.07 -3.69 -3.20
CA LEU A 9 -0.58 -4.86 -2.64
C LEU A 9 -0.53 -4.82 -1.13
N LYS A 10 0.62 -4.42 -0.62
CA LYS A 10 0.79 -4.17 0.78
C LYS A 10 1.40 -2.77 0.91
N GLU A 11 1.27 -2.15 2.06
CA GLU A 11 1.67 -0.76 2.21
C GLU A 11 2.55 -0.58 3.45
N LYS A 12 2.74 0.67 3.86
CA LYS A 12 3.68 1.02 4.90
C LYS A 12 3.57 2.52 5.19
N LEU A 13 2.33 3.02 5.05
CA LEU A 13 2.00 4.44 5.09
C LEU A 13 2.69 5.22 3.96
N ARG A 14 1.90 5.64 2.99
CA ARG A 14 2.42 6.44 1.87
C ARG A 14 1.43 7.52 1.44
N THR A 15 0.47 7.19 0.57
CA THR A 15 -0.39 8.21 -0.03
C THR A 15 -1.70 7.62 -0.62
N VAL A 16 -1.59 6.75 -1.63
CA VAL A 16 -2.75 6.36 -2.45
C VAL A 16 -2.54 5.01 -3.16
N ILE A 17 -1.58 4.92 -4.08
CA ILE A 17 -1.38 3.69 -4.86
C ILE A 17 -0.84 2.57 -3.99
N THR A 18 0.25 2.83 -3.28
CA THR A 18 0.77 1.90 -2.31
C THR A 18 -0.28 1.70 -1.23
N SER A 19 -0.92 2.82 -0.93
CA SER A 19 -1.98 2.92 0.04
C SER A 19 -3.32 2.39 -0.48
N HIS A 20 -3.27 1.46 -1.43
CA HIS A 20 -4.49 0.88 -2.00
C HIS A 20 -4.98 -0.23 -1.09
N ILE A 21 -4.12 -1.22 -0.90
CA ILE A 21 -4.36 -2.27 0.06
C ILE A 21 -3.05 -2.53 0.79
N ASP A 22 -3.11 -2.73 2.09
CA ASP A 22 -1.90 -2.83 2.88
C ASP A 22 -1.83 -4.19 3.57
N LYS A 23 -1.05 -4.25 4.64
CA LYS A 23 -0.96 -5.44 5.47
C LYS A 23 -2.20 -5.60 6.33
N VAL A 24 -3.25 -4.85 5.95
CA VAL A 24 -4.53 -4.87 6.65
C VAL A 24 -4.36 -4.36 8.07
N LEU A 25 -3.65 -3.24 8.16
CA LEU A 25 -3.43 -2.56 9.42
C LEU A 25 -3.87 -1.12 9.29
N ARG A 26 -3.38 -0.44 8.24
CA ARG A 26 -3.77 0.95 7.96
C ARG A 26 -3.04 1.48 6.72
N PRO A 27 -3.76 1.70 5.62
CA PRO A 27 -3.24 2.42 4.48
C PRO A 27 -3.60 3.91 4.53
N GLN A 28 -2.82 4.74 3.85
CA GLN A 28 -3.07 6.18 3.82
C GLN A 28 -4.14 6.55 2.80
N GLY A 29 -4.76 5.56 2.18
CA GLY A 29 -5.77 5.82 1.19
C GLY A 29 -6.74 4.67 1.05
N ARG A 1 2.93 3.03 -10.30
CA ARG A 1 3.94 1.97 -10.02
C ARG A 1 3.27 0.78 -9.35
N LYS A 2 3.50 -0.41 -9.88
CA LYS A 2 2.94 -1.63 -9.31
C LYS A 2 4.04 -2.57 -8.87
N CYS A 3 4.69 -2.22 -7.78
CA CYS A 3 5.80 -3.01 -7.24
C CYS A 3 5.27 -4.21 -6.45
N ASN A 4 4.07 -4.67 -6.81
CA ASN A 4 3.41 -5.77 -6.11
C ASN A 4 3.17 -5.44 -4.64
N PHE A 5 3.96 -6.04 -3.77
CA PHE A 5 3.81 -5.86 -2.34
C PHE A 5 4.49 -4.57 -1.89
N LEU A 6 3.95 -4.00 -0.81
CA LEU A 6 4.44 -2.72 -0.29
C LEU A 6 4.42 -1.67 -1.39
N CYS A 7 3.42 -1.74 -2.26
CA CYS A 7 3.32 -0.82 -3.39
C CYS A 7 1.88 -0.71 -3.90
N LYS A 8 1.14 -1.82 -3.92
CA LYS A 8 -0.29 -1.76 -4.26
C LYS A 8 -1.05 -2.90 -3.58
N LEU A 9 -0.42 -4.07 -3.52
CA LEU A 9 -1.02 -5.25 -2.91
C LEU A 9 -0.99 -5.11 -1.40
N LYS A 10 0.21 -5.09 -0.86
CA LYS A 10 0.44 -4.48 0.44
C LYS A 10 0.98 -3.09 0.18
N GLU A 11 1.04 -2.26 1.18
CA GLU A 11 1.54 -0.91 0.98
C GLU A 11 2.33 -0.43 2.17
N LYS A 12 2.80 0.81 2.09
CA LYS A 12 3.72 1.35 3.06
C LYS A 12 3.38 2.80 3.42
N LEU A 13 2.11 3.17 3.24
CA LEU A 13 1.62 4.51 3.56
C LEU A 13 2.23 5.54 2.60
N ARG A 14 1.53 5.80 1.50
CA ARG A 14 1.97 6.79 0.53
C ARG A 14 0.76 7.54 -0.05
N THR A 15 -0.43 7.20 0.44
CA THR A 15 -1.68 7.92 0.14
C THR A 15 -1.80 8.26 -1.35
N VAL A 16 -2.13 7.23 -2.12
CA VAL A 16 -2.15 7.30 -3.58
C VAL A 16 -2.45 5.87 -4.07
N ILE A 17 -1.99 5.50 -5.27
CA ILE A 17 -2.18 4.13 -5.76
C ILE A 17 -1.56 3.12 -4.80
N THR A 18 -0.45 3.51 -4.18
CA THR A 18 0.19 2.73 -3.13
C THR A 18 -0.82 2.34 -2.07
N SER A 19 -1.41 3.37 -1.46
CA SER A 19 -2.43 3.18 -0.45
C SER A 19 -3.76 2.79 -1.08
N HIS A 20 -3.76 1.63 -1.71
CA HIS A 20 -4.97 1.09 -2.33
C HIS A 20 -5.52 -0.03 -1.46
N ILE A 21 -4.70 -1.02 -1.19
CA ILE A 21 -5.05 -2.10 -0.29
C ILE A 21 -3.79 -2.58 0.41
N ASP A 22 -3.94 -3.09 1.63
CA ASP A 22 -2.78 -3.52 2.40
C ASP A 22 -3.04 -4.87 3.05
N LYS A 23 -2.07 -5.37 3.79
CA LYS A 23 -2.26 -6.55 4.60
C LYS A 23 -3.33 -6.28 5.67
N VAL A 24 -3.28 -5.09 6.27
CA VAL A 24 -4.16 -4.74 7.39
C VAL A 24 -4.32 -3.22 7.48
N LEU A 25 -4.85 -2.77 8.61
CA LEU A 25 -5.00 -1.35 8.89
C LEU A 25 -3.70 -0.74 9.43
N ARG A 26 -2.59 -1.05 8.78
CA ARG A 26 -1.30 -0.51 9.19
C ARG A 26 -1.05 0.84 8.51
N PRO A 27 -1.24 0.96 7.18
CA PRO A 27 -1.03 2.22 6.48
C PRO A 27 -2.24 3.13 6.57
N GLN A 28 -2.03 4.38 6.96
CA GLN A 28 -3.14 5.34 7.11
C GLN A 28 -4.14 4.81 8.13
N GLY A 29 -3.68 3.96 9.04
CA GLY A 29 -4.54 3.34 10.00
C GLY A 29 -4.13 3.69 11.42
N ARG A 1 -3.25 -3.99 -7.36
CA ARG A 1 -2.27 -4.52 -8.34
C ARG A 1 -1.69 -3.38 -9.16
N LYS A 2 -0.40 -3.48 -9.47
CA LYS A 2 0.33 -2.44 -10.19
C LYS A 2 1.81 -2.80 -10.16
N CYS A 3 2.23 -3.42 -9.07
CA CYS A 3 3.61 -3.79 -8.85
C CYS A 3 3.72 -4.87 -7.76
N ASN A 4 4.80 -4.86 -6.99
CA ASN A 4 5.01 -5.88 -5.96
C ASN A 4 4.64 -5.37 -4.57
N PHE A 5 5.05 -6.11 -3.55
CA PHE A 5 4.82 -5.73 -2.16
C PHE A 5 5.53 -4.41 -1.84
N LEU A 6 5.03 -3.72 -0.81
CA LEU A 6 5.51 -2.38 -0.46
C LEU A 6 5.51 -1.48 -1.69
N CYS A 7 4.34 -1.40 -2.33
CA CYS A 7 4.21 -0.69 -3.60
C CYS A 7 2.73 -0.53 -3.97
N LYS A 8 1.96 -1.62 -3.81
CA LYS A 8 0.49 -1.55 -3.91
C LYS A 8 -0.12 -2.87 -3.47
N LEU A 9 0.59 -3.56 -2.59
CA LEU A 9 0.21 -4.91 -2.18
C LEU A 9 0.43 -5.11 -0.69
N LYS A 10 1.65 -4.89 -0.23
CA LYS A 10 1.95 -5.02 1.19
C LYS A 10 1.67 -3.73 1.94
N GLU A 11 1.95 -2.59 1.28
CA GLU A 11 1.68 -1.26 1.84
C GLU A 11 2.64 -0.96 3.00
N LYS A 12 2.71 0.31 3.37
CA LYS A 12 3.60 0.77 4.42
C LYS A 12 3.15 2.15 4.91
N LEU A 13 2.99 3.07 3.97
CA LEU A 13 2.49 4.45 4.19
C LEU A 13 3.05 5.36 3.09
N ARG A 14 2.18 6.15 2.45
CA ARG A 14 2.65 7.07 1.43
C ARG A 14 1.57 8.07 1.03
N THR A 15 0.73 7.69 0.07
CA THR A 15 -0.21 8.61 -0.55
C THR A 15 -1.47 7.90 -1.02
N VAL A 16 -1.30 7.02 -2.02
CA VAL A 16 -2.42 6.31 -2.64
C VAL A 16 -1.95 4.99 -3.24
N ILE A 17 -1.05 5.07 -4.23
CA ILE A 17 -0.55 3.88 -4.92
C ILE A 17 0.23 2.96 -3.97
N THR A 18 1.27 3.50 -3.35
CA THR A 18 2.13 2.72 -2.48
C THR A 18 1.36 2.35 -1.23
N SER A 19 0.30 3.11 -1.01
CA SER A 19 -0.48 3.03 0.18
C SER A 19 -1.93 2.66 -0.15
N HIS A 20 -2.11 1.56 -0.86
CA HIS A 20 -3.43 1.15 -1.31
C HIS A 20 -3.87 -0.13 -0.61
N ILE A 21 -3.30 -1.25 -1.02
CA ILE A 21 -3.63 -2.53 -0.40
C ILE A 21 -2.75 -2.74 0.82
N ASP A 22 -3.33 -2.61 1.99
CA ASP A 22 -2.59 -2.69 3.23
C ASP A 22 -2.32 -4.12 3.65
N LYS A 23 -1.20 -4.28 4.35
CA LYS A 23 -0.84 -5.56 4.96
C LYS A 23 -1.86 -6.00 6.00
N VAL A 24 -2.53 -5.03 6.65
CA VAL A 24 -3.48 -5.34 7.73
C VAL A 24 -3.92 -4.09 8.48
N LEU A 25 -2.98 -3.17 8.72
CA LEU A 25 -3.25 -1.99 9.52
C LEU A 25 -4.15 -1.00 8.79
N ARG A 26 -3.58 -0.32 7.80
CA ARG A 26 -4.25 0.75 7.09
C ARG A 26 -3.39 1.12 5.89
N PRO A 27 -3.96 1.77 4.87
CA PRO A 27 -3.18 2.26 3.76
C PRO A 27 -2.73 3.72 3.93
N GLN A 28 -3.57 4.66 3.48
CA GLN A 28 -3.25 6.10 3.52
C GLN A 28 -4.27 6.85 2.67
N GLY A 29 -4.66 6.24 1.56
CA GLY A 29 -5.66 6.83 0.70
C GLY A 29 -6.88 5.95 0.58
N ARG A 1 0.76 -0.50 -11.30
CA ARG A 1 1.65 -1.59 -11.76
C ARG A 1 1.65 -2.75 -10.76
N LYS A 2 1.25 -2.46 -9.53
CA LYS A 2 1.13 -3.47 -8.46
C LYS A 2 2.47 -3.98 -7.95
N CYS A 3 3.26 -4.59 -8.85
CA CYS A 3 4.51 -5.24 -8.47
C CYS A 3 4.23 -6.35 -7.46
N ASN A 4 5.19 -6.60 -6.58
CA ASN A 4 4.98 -7.49 -5.45
C ASN A 4 4.62 -6.65 -4.24
N PHE A 5 4.82 -7.21 -3.06
CA PHE A 5 4.67 -6.45 -1.82
C PHE A 5 5.58 -5.21 -1.85
N LEU A 6 5.14 -4.13 -1.20
CA LEU A 6 5.83 -2.85 -1.26
C LEU A 6 5.91 -2.31 -2.70
N CYS A 7 4.77 -1.83 -3.18
CA CYS A 7 4.61 -1.17 -4.48
C CYS A 7 3.14 -0.76 -4.67
N LYS A 8 2.27 -1.56 -4.06
CA LYS A 8 0.82 -1.35 -4.12
C LYS A 8 0.10 -2.38 -3.23
N LEU A 9 0.78 -3.50 -3.01
CA LEU A 9 0.19 -4.64 -2.31
C LEU A 9 0.36 -4.53 -0.79
N LYS A 10 1.48 -5.03 -0.27
CA LYS A 10 1.70 -5.07 1.19
C LYS A 10 1.78 -3.67 1.78
N GLU A 11 2.47 -2.79 1.07
CA GLU A 11 2.64 -1.39 1.47
C GLU A 11 3.02 -1.21 2.93
N LYS A 12 2.82 0.01 3.42
CA LYS A 12 3.42 0.41 4.67
C LYS A 12 2.83 1.75 5.14
N LEU A 13 2.94 2.78 4.29
CA LEU A 13 2.44 4.11 4.60
C LEU A 13 2.81 5.09 3.49
N ARG A 14 1.80 5.75 2.93
CA ARG A 14 2.04 6.86 2.00
C ARG A 14 0.74 7.60 1.70
N THR A 15 0.07 7.22 0.62
CA THR A 15 -1.13 7.91 0.19
C THR A 15 -2.15 6.95 -0.43
N VAL A 16 -1.84 6.43 -1.62
CA VAL A 16 -2.79 5.61 -2.37
C VAL A 16 -2.08 4.49 -3.11
N ILE A 17 -1.27 4.81 -4.11
CA ILE A 17 -0.59 3.77 -4.88
C ILE A 17 0.47 3.08 -4.02
N THR A 18 1.01 3.79 -3.05
CA THR A 18 2.00 3.25 -2.16
C THR A 18 1.36 2.99 -0.80
N SER A 19 0.03 3.04 -0.79
CA SER A 19 -0.75 2.79 0.41
C SER A 19 -2.17 2.39 0.02
N HIS A 20 -2.30 1.33 -0.79
CA HIS A 20 -3.60 0.95 -1.32
C HIS A 20 -4.16 -0.29 -0.64
N ILE A 21 -3.63 -1.46 -0.98
CA ILE A 21 -4.07 -2.69 -0.36
C ILE A 21 -3.57 -2.72 1.09
N ASP A 22 -2.26 -2.64 1.22
CA ASP A 22 -1.58 -2.55 2.50
C ASP A 22 -1.71 -3.82 3.32
N LYS A 23 -0.89 -3.92 4.35
CA LYS A 23 -1.03 -4.93 5.37
C LYS A 23 -2.50 -5.11 5.74
N VAL A 24 -3.20 -4.00 5.93
CA VAL A 24 -4.59 -4.03 6.39
C VAL A 24 -5.17 -2.62 6.46
N LEU A 25 -4.74 -1.76 5.54
CA LEU A 25 -5.12 -0.36 5.55
C LEU A 25 -4.77 0.27 6.89
N ARG A 26 -3.51 0.10 7.28
CA ARG A 26 -3.02 0.64 8.53
C ARG A 26 -2.65 2.13 8.40
N PRO A 27 -1.86 2.51 7.36
CA PRO A 27 -1.38 3.89 7.23
C PRO A 27 -2.50 4.90 6.98
N GLN A 28 -3.13 4.80 5.82
CA GLN A 28 -4.18 5.73 5.42
C GLN A 28 -5.52 5.03 5.43
N GLY A 29 -5.81 4.37 6.54
CA GLY A 29 -7.02 3.59 6.66
C GLY A 29 -7.45 3.46 8.10
N ARG A 1 2.26 -1.11 -11.32
CA ARG A 1 2.37 -2.33 -10.48
C ARG A 1 3.42 -2.13 -9.39
N LYS A 2 4.50 -1.41 -9.73
CA LYS A 2 5.54 -1.05 -8.76
C LYS A 2 6.33 -2.28 -8.30
N CYS A 3 5.76 -3.03 -7.35
CA CYS A 3 6.38 -4.25 -6.85
C CYS A 3 5.39 -5.02 -5.97
N ASN A 4 4.10 -4.73 -6.14
CA ASN A 4 3.04 -5.29 -5.29
C ASN A 4 3.28 -5.00 -3.82
N PHE A 5 3.74 -5.97 -3.07
CA PHE A 5 3.87 -5.79 -1.64
C PHE A 5 4.95 -4.78 -1.30
N LEU A 6 4.57 -3.82 -0.46
CA LEU A 6 5.41 -2.66 -0.09
C LEU A 6 5.51 -1.69 -1.25
N CYS A 7 4.45 -1.62 -2.06
CA CYS A 7 4.42 -0.77 -3.23
C CYS A 7 2.99 -0.39 -3.60
N LYS A 8 2.12 -1.39 -3.55
CA LYS A 8 0.68 -1.21 -3.76
C LYS A 8 -0.04 -2.13 -2.80
N LEU A 9 0.56 -3.29 -2.60
CA LEU A 9 0.19 -4.20 -1.55
C LEU A 9 1.13 -3.95 -0.38
N LYS A 10 1.00 -4.79 0.64
CA LYS A 10 1.57 -4.58 1.99
C LYS A 10 1.52 -3.12 2.50
N GLU A 11 2.17 -2.22 1.77
CA GLU A 11 2.24 -0.79 2.06
C GLU A 11 3.28 -0.50 3.14
N LYS A 12 3.63 0.78 3.27
CA LYS A 12 4.74 1.21 4.12
C LYS A 12 4.70 2.71 4.36
N LEU A 13 3.49 3.27 4.38
CA LEU A 13 3.29 4.72 4.49
C LEU A 13 3.69 5.41 3.19
N ARG A 14 2.71 6.00 2.51
CA ARG A 14 2.96 6.69 1.25
C ARG A 14 1.83 7.66 0.92
N THR A 15 0.73 7.13 0.39
CA THR A 15 -0.40 7.96 0.01
C THR A 15 -1.67 7.12 -0.24
N VAL A 16 -1.66 6.29 -1.27
CA VAL A 16 -2.82 5.48 -1.60
C VAL A 16 -2.49 4.50 -2.73
N ILE A 17 -1.50 4.83 -3.57
CA ILE A 17 -1.03 3.89 -4.58
C ILE A 17 -0.32 2.74 -3.88
N THR A 18 0.42 3.08 -2.83
CA THR A 18 1.07 2.10 -2.01
C THR A 18 0.11 1.64 -0.91
N SER A 19 -0.55 2.60 -0.30
CA SER A 19 -1.59 2.31 0.68
C SER A 19 -2.93 2.02 -0.03
N HIS A 20 -2.86 1.16 -1.04
CA HIS A 20 -4.03 0.77 -1.82
C HIS A 20 -4.66 -0.48 -1.23
N ILE A 21 -3.88 -1.54 -1.14
CA ILE A 21 -4.31 -2.77 -0.50
C ILE A 21 -3.25 -3.22 0.50
N ASP A 22 -3.28 -2.54 1.64
CA ASP A 22 -2.26 -2.66 2.67
C ASP A 22 -2.22 -4.07 3.27
N LYS A 23 -1.24 -4.30 4.14
CA LYS A 23 -1.18 -5.52 4.95
C LYS A 23 -2.49 -5.72 5.73
N VAL A 24 -3.12 -4.62 6.10
CA VAL A 24 -4.33 -4.63 6.91
C VAL A 24 -5.21 -3.48 6.45
N LEU A 25 -6.31 -3.24 7.16
CA LEU A 25 -7.20 -2.14 6.80
C LEU A 25 -6.70 -0.83 7.39
N ARG A 26 -5.54 -0.38 6.93
CA ARG A 26 -4.96 0.87 7.40
C ARG A 26 -4.74 1.90 6.26
N PRO A 27 -5.56 1.93 5.18
CA PRO A 27 -5.30 2.83 4.05
C PRO A 27 -5.30 4.29 4.46
N GLN A 28 -4.31 5.03 4.00
CA GLN A 28 -4.18 6.43 4.36
C GLN A 28 -4.73 7.33 3.26
N GLY A 29 -5.48 6.74 2.35
CA GLY A 29 -6.08 7.50 1.28
C GLY A 29 -7.58 7.55 1.43
N ARG A 1 0.57 -1.87 -12.00
CA ARG A 1 1.34 -0.92 -12.83
C ARG A 1 2.66 -0.57 -12.15
N LYS A 2 2.60 -0.43 -10.84
CA LYS A 2 3.78 -0.09 -10.05
C LYS A 2 4.54 -1.36 -9.69
N CYS A 3 3.98 -2.12 -8.76
CA CYS A 3 4.53 -3.40 -8.31
C CYS A 3 3.55 -4.06 -7.36
N ASN A 4 4.00 -5.07 -6.62
CA ASN A 4 3.10 -5.82 -5.74
C ASN A 4 3.18 -5.30 -4.31
N PHE A 5 3.90 -6.00 -3.46
CA PHE A 5 3.95 -5.64 -2.06
C PHE A 5 4.75 -4.34 -1.86
N LEU A 6 4.30 -3.54 -0.90
CA LEU A 6 4.87 -2.21 -0.67
C LEU A 6 4.73 -1.35 -1.91
N CYS A 7 3.63 -1.54 -2.63
CA CYS A 7 3.48 -0.99 -3.98
C CYS A 7 2.02 -0.87 -4.36
N LYS A 8 1.24 -1.82 -3.90
CA LYS A 8 -0.19 -1.91 -4.14
C LYS A 8 -0.70 -2.97 -3.19
N LEU A 9 0.10 -4.02 -3.13
CA LEU A 9 0.04 -4.99 -2.06
C LEU A 9 0.94 -4.47 -0.96
N LYS A 10 1.05 -5.23 0.12
CA LYS A 10 1.45 -4.70 1.44
C LYS A 10 1.19 -3.19 1.51
N GLU A 11 2.05 -2.42 2.17
CA GLU A 11 1.88 -0.97 2.15
C GLU A 11 3.01 -0.25 2.90
N LYS A 12 3.05 1.06 2.71
CA LYS A 12 3.99 1.91 3.40
C LYS A 12 3.40 3.30 3.48
N LEU A 13 3.90 4.10 4.42
CA LEU A 13 3.37 5.45 4.62
C LEU A 13 3.65 6.33 3.40
N ARG A 14 2.68 6.36 2.49
CA ARG A 14 2.81 7.12 1.25
C ARG A 14 1.46 7.64 0.80
N THR A 15 0.45 6.79 0.82
CA THR A 15 -0.91 7.18 0.43
C THR A 15 -1.01 7.34 -1.08
N VAL A 16 -1.30 6.24 -1.76
CA VAL A 16 -1.37 6.23 -3.22
C VAL A 16 -1.64 4.78 -3.66
N ILE A 17 -1.23 4.40 -4.86
CA ILE A 17 -1.36 3.01 -5.33
C ILE A 17 -0.76 2.04 -4.30
N THR A 18 0.28 2.49 -3.61
CA THR A 18 0.90 1.72 -2.55
C THR A 18 -0.12 1.32 -1.50
N SER A 19 -0.70 2.31 -0.84
CA SER A 19 -1.73 2.05 0.15
C SER A 19 -3.09 1.81 -0.53
N HIS A 20 -3.14 0.83 -1.42
CA HIS A 20 -4.39 0.51 -2.11
C HIS A 20 -5.17 -0.55 -1.35
N ILE A 21 -4.66 -1.78 -1.34
CA ILE A 21 -5.33 -2.86 -0.61
C ILE A 21 -4.59 -3.16 0.68
N ASP A 22 -3.34 -2.72 0.72
CA ASP A 22 -2.45 -2.89 1.88
C ASP A 22 -2.29 -4.36 2.25
N LYS A 23 -1.59 -4.64 3.34
CA LYS A 23 -1.63 -5.96 3.94
C LYS A 23 -2.63 -5.94 5.09
N VAL A 24 -2.98 -4.72 5.49
CA VAL A 24 -4.01 -4.46 6.48
C VAL A 24 -4.11 -2.95 6.67
N LEU A 25 -5.18 -2.47 7.27
CA LEU A 25 -5.42 -1.03 7.39
C LEU A 25 -4.55 -0.39 8.48
N ARG A 26 -3.24 -0.51 8.32
CA ARG A 26 -2.30 0.18 9.20
C ARG A 26 -1.59 1.39 8.54
N PRO A 27 -1.52 1.54 7.19
CA PRO A 27 -0.75 2.63 6.60
C PRO A 27 -1.37 3.99 6.90
N GLN A 28 -2.54 4.23 6.33
CA GLN A 28 -3.26 5.47 6.52
C GLN A 28 -4.62 5.16 7.15
N GLY A 29 -4.73 3.97 7.71
CA GLY A 29 -5.97 3.53 8.31
C GLY A 29 -6.00 3.80 9.80
N ARG A 1 3.11 0.85 -12.34
CA ARG A 1 4.07 -0.28 -12.34
C ARG A 1 3.65 -1.34 -11.33
N LYS A 2 3.12 -0.90 -10.17
CA LYS A 2 2.66 -1.80 -9.12
C LYS A 2 3.76 -2.77 -8.68
N CYS A 3 4.55 -2.34 -7.70
CA CYS A 3 5.61 -3.19 -7.13
C CYS A 3 5.01 -4.32 -6.31
N ASN A 4 3.68 -4.32 -6.22
CA ASN A 4 2.92 -5.30 -5.47
C ASN A 4 3.13 -5.15 -3.98
N PHE A 5 3.88 -6.04 -3.38
CA PHE A 5 4.10 -6.00 -1.94
C PHE A 5 4.87 -4.76 -1.54
N LEU A 6 4.47 -4.20 -0.41
CA LEU A 6 5.04 -2.96 0.10
C LEU A 6 5.06 -1.88 -0.99
N CYS A 7 3.89 -1.64 -1.60
CA CYS A 7 3.81 -0.71 -2.73
C CYS A 7 2.39 -0.57 -3.24
N LYS A 8 1.61 -1.63 -3.11
CA LYS A 8 0.21 -1.61 -3.50
C LYS A 8 -0.56 -2.72 -2.78
N LEU A 9 0.17 -3.78 -2.46
CA LEU A 9 -0.39 -4.94 -1.77
C LEU A 9 -0.15 -4.89 -0.27
N LYS A 10 1.09 -5.05 0.17
CA LYS A 10 1.38 -5.03 1.60
C LYS A 10 1.16 -3.64 2.21
N GLU A 11 2.13 -2.72 2.04
CA GLU A 11 1.99 -1.35 2.55
C GLU A 11 3.29 -0.57 2.43
N LYS A 12 3.23 0.71 2.79
CA LYS A 12 4.40 1.58 2.97
C LYS A 12 3.95 3.05 2.98
N LEU A 13 4.76 3.89 3.62
CA LEU A 13 4.43 5.31 3.79
C LEU A 13 4.32 6.03 2.47
N ARG A 14 3.08 6.26 2.01
CA ARG A 14 2.87 6.99 0.77
C ARG A 14 1.41 7.45 0.65
N THR A 15 0.48 6.55 0.90
CA THR A 15 -0.95 6.83 0.76
C THR A 15 -1.30 7.32 -0.65
N VAL A 16 -1.82 6.38 -1.44
CA VAL A 16 -2.13 6.60 -2.85
C VAL A 16 -2.41 5.21 -3.48
N ILE A 17 -1.91 4.94 -4.69
CA ILE A 17 -1.96 3.59 -5.26
C ILE A 17 -1.33 2.59 -4.28
N THR A 18 -0.36 3.07 -3.51
CA THR A 18 0.30 2.26 -2.50
C THR A 18 -0.67 1.72 -1.47
N SER A 19 -1.33 2.63 -0.77
CA SER A 19 -2.27 2.25 0.26
C SER A 19 -3.64 1.92 -0.35
N HIS A 20 -3.61 1.23 -1.47
CA HIS A 20 -4.82 0.76 -2.15
C HIS A 20 -5.43 -0.35 -1.31
N ILE A 21 -4.65 -1.38 -1.11
CA ILE A 21 -4.96 -2.41 -0.14
C ILE A 21 -3.74 -2.61 0.73
N ASP A 22 -3.92 -3.03 1.96
CA ASP A 22 -2.81 -3.20 2.86
C ASP A 22 -2.74 -4.62 3.38
N LYS A 23 -1.77 -4.88 4.24
CA LYS A 23 -1.69 -6.14 4.97
C LYS A 23 -3.05 -6.50 5.55
N VAL A 24 -3.76 -5.49 6.03
CA VAL A 24 -5.15 -5.62 6.41
C VAL A 24 -5.95 -4.47 5.78
N LEU A 25 -5.80 -3.26 6.34
CA LEU A 25 -6.42 -2.07 5.79
C LEU A 25 -6.05 -0.83 6.61
N ARG A 26 -4.91 -0.23 6.31
CA ARG A 26 -4.46 0.93 7.03
C ARG A 26 -3.47 1.74 6.18
N PRO A 27 -3.96 2.78 5.49
CA PRO A 27 -3.09 3.75 4.80
C PRO A 27 -2.12 4.43 5.76
N GLN A 28 -1.16 5.15 5.21
CA GLN A 28 -0.04 5.62 6.00
C GLN A 28 0.79 6.62 5.21
N GLY A 29 0.45 7.89 5.36
CA GLY A 29 1.18 8.95 4.70
C GLY A 29 0.25 10.02 4.18
N ARG A 1 1.92 1.63 -10.81
CA ARG A 1 3.09 1.09 -10.10
C ARG A 1 2.67 -0.03 -9.16
N LYS A 2 2.84 -1.26 -9.62
CA LYS A 2 2.45 -2.41 -8.84
C LYS A 2 3.68 -3.25 -8.50
N CYS A 3 4.45 -2.77 -7.54
CA CYS A 3 5.66 -3.46 -7.09
C CYS A 3 5.29 -4.51 -6.04
N ASN A 4 4.13 -5.13 -6.21
CA ASN A 4 3.63 -6.13 -5.28
C ASN A 4 3.46 -5.53 -3.88
N PHE A 5 4.13 -6.12 -2.91
CA PHE A 5 4.04 -5.68 -1.53
C PHE A 5 4.87 -4.42 -1.30
N LEU A 6 4.44 -3.60 -0.34
CA LEU A 6 5.06 -2.31 -0.07
C LEU A 6 4.98 -1.43 -1.31
N CYS A 7 3.87 -1.54 -2.03
CA CYS A 7 3.67 -0.79 -3.27
C CYS A 7 2.21 -0.82 -3.70
N LYS A 8 1.51 -1.91 -3.43
CA LYS A 8 0.06 -1.95 -3.64
C LYS A 8 -0.56 -3.02 -2.74
N LEU A 9 0.13 -4.16 -2.67
CA LEU A 9 -0.29 -5.30 -1.87
C LEU A 9 0.01 -5.11 -0.39
N LYS A 10 1.13 -4.50 -0.10
CA LYS A 10 1.43 -4.09 1.25
C LYS A 10 1.80 -2.62 1.23
N GLU A 11 1.88 -2.01 2.39
CA GLU A 11 2.07 -0.58 2.46
C GLU A 11 3.08 -0.25 3.54
N LYS A 12 3.60 0.96 3.52
CA LYS A 12 4.59 1.40 4.47
C LYS A 12 4.24 2.79 5.00
N LEU A 13 4.01 3.74 4.09
CA LEU A 13 3.67 5.12 4.45
C LEU A 13 3.55 5.97 3.18
N ARG A 14 3.05 5.35 2.12
CA ARG A 14 2.97 6.02 0.82
C ARG A 14 1.74 6.89 0.69
N THR A 15 0.61 6.44 1.26
CA THR A 15 -0.67 7.14 1.19
C THR A 15 -0.95 7.59 -0.24
N VAL A 16 -1.27 6.60 -1.07
CA VAL A 16 -1.38 6.77 -2.50
C VAL A 16 -1.85 5.42 -3.09
N ILE A 17 -1.45 5.09 -4.32
CA ILE A 17 -1.84 3.82 -4.94
C ILE A 17 -1.37 2.65 -4.07
N THR A 18 -0.24 2.85 -3.40
CA THR A 18 0.29 1.86 -2.47
C THR A 18 -0.72 1.53 -1.39
N SER A 19 -1.21 2.58 -0.74
CA SER A 19 -2.18 2.44 0.34
C SER A 19 -3.58 2.11 -0.18
N HIS A 20 -3.68 1.07 -0.98
CA HIS A 20 -4.98 0.62 -1.48
C HIS A 20 -5.39 -0.69 -0.81
N ILE A 21 -4.63 -1.75 -1.05
CA ILE A 21 -4.93 -3.04 -0.45
C ILE A 21 -3.73 -3.53 0.35
N ASP A 22 -3.49 -2.89 1.48
CA ASP A 22 -2.31 -3.14 2.30
C ASP A 22 -2.42 -4.47 3.04
N LYS A 23 -1.60 -4.63 4.07
CA LYS A 23 -1.65 -5.81 4.92
C LYS A 23 -2.85 -5.76 5.86
N VAL A 24 -3.82 -4.91 5.53
CA VAL A 24 -5.07 -4.79 6.26
C VAL A 24 -4.83 -4.15 7.62
N LEU A 25 -4.28 -2.94 7.59
CA LEU A 25 -4.07 -2.17 8.80
C LEU A 25 -4.49 -0.73 8.57
N ARG A 26 -3.82 -0.04 7.65
CA ARG A 26 -4.09 1.37 7.44
C ARG A 26 -3.76 1.81 6.00
N PRO A 27 -4.58 1.41 5.03
CA PRO A 27 -4.44 1.89 3.66
C PRO A 27 -5.09 3.25 3.47
N GLN A 28 -4.37 4.29 3.84
CA GLN A 28 -4.89 5.66 3.80
C GLN A 28 -4.72 6.26 2.41
N GLY A 29 -5.08 5.50 1.40
CA GLY A 29 -5.04 5.98 0.03
C GLY A 29 -6.29 5.61 -0.73
N ARG A 1 -0.69 0.52 -11.77
CA ARG A 1 0.11 -0.73 -11.82
C ARG A 1 0.25 -1.31 -10.42
N LYS A 2 0.24 -2.63 -10.30
CA LYS A 2 0.52 -3.27 -9.02
C LYS A 2 1.98 -3.70 -8.98
N CYS A 3 2.51 -3.85 -7.80
CA CYS A 3 3.92 -4.20 -7.64
C CYS A 3 4.08 -5.27 -6.56
N ASN A 4 5.31 -5.62 -6.26
CA ASN A 4 5.61 -6.75 -5.40
C ASN A 4 5.62 -6.34 -3.94
N PHE A 5 4.42 -5.98 -3.46
CA PHE A 5 4.23 -5.50 -2.10
C PHE A 5 5.06 -4.25 -1.82
N LEU A 6 4.79 -3.62 -0.67
CA LEU A 6 5.46 -2.39 -0.26
C LEU A 6 5.43 -1.37 -1.40
N CYS A 7 4.30 -1.34 -2.11
CA CYS A 7 4.19 -0.51 -3.30
C CYS A 7 2.73 -0.30 -3.66
N LYS A 8 1.89 -1.28 -3.34
CA LYS A 8 0.45 -1.18 -3.55
C LYS A 8 -0.25 -2.27 -2.77
N LEU A 9 0.37 -3.45 -2.76
CA LEU A 9 -0.11 -4.60 -2.02
C LEU A 9 0.19 -4.42 -0.53
N LYS A 10 1.41 -4.73 -0.11
CA LYS A 10 1.83 -4.42 1.25
C LYS A 10 2.27 -2.96 1.29
N GLU A 11 2.43 -2.38 2.47
CA GLU A 11 2.66 -0.94 2.55
C GLU A 11 3.95 -0.58 3.29
N LYS A 12 4.34 0.67 3.12
CA LYS A 12 5.51 1.23 3.78
C LYS A 12 5.32 2.74 3.95
N LEU A 13 4.05 3.13 4.15
CA LEU A 13 3.60 4.53 4.14
C LEU A 13 3.87 5.21 2.79
N ARG A 14 2.90 5.98 2.32
CA ARG A 14 3.03 6.69 1.06
C ARG A 14 1.93 7.74 0.91
N THR A 15 0.73 7.31 0.50
CA THR A 15 -0.35 8.27 0.25
C THR A 15 -1.66 7.58 -0.15
N VAL A 16 -1.57 6.68 -1.14
CA VAL A 16 -2.76 6.09 -1.78
C VAL A 16 -2.35 4.85 -2.56
N ILE A 17 -1.41 5.02 -3.49
CA ILE A 17 -0.92 3.92 -4.32
C ILE A 17 -0.38 2.77 -3.46
N THR A 18 0.64 3.05 -2.66
CA THR A 18 1.18 2.05 -1.77
C THR A 18 0.18 1.70 -0.68
N SER A 19 -0.48 2.73 -0.17
CA SER A 19 -1.50 2.55 0.85
C SER A 19 -2.85 2.16 0.22
N HIS A 20 -2.85 1.24 -0.73
CA HIS A 20 -4.06 0.92 -1.47
C HIS A 20 -4.81 -0.22 -0.80
N ILE A 21 -4.38 -1.46 -1.02
CA ILE A 21 -5.01 -2.59 -0.36
C ILE A 21 -4.33 -2.79 1.00
N ASP A 22 -3.03 -2.49 1.03
CA ASP A 22 -2.27 -2.40 2.27
C ASP A 22 -2.14 -3.76 2.95
N LYS A 23 -1.35 -3.82 4.01
CA LYS A 23 -1.36 -5.00 4.87
C LYS A 23 -2.53 -4.92 5.85
N VAL A 24 -2.99 -3.69 6.12
CA VAL A 24 -4.19 -3.45 6.94
C VAL A 24 -4.38 -1.94 7.15
N LEU A 25 -4.62 -1.25 6.01
CA LEU A 25 -4.90 0.19 5.93
C LEU A 25 -4.29 1.00 7.08
N ARG A 26 -2.98 0.87 7.27
CA ARG A 26 -2.30 1.50 8.37
C ARG A 26 -1.83 2.93 8.05
N PRO A 27 -1.10 3.14 6.94
CA PRO A 27 -0.53 4.46 6.65
C PRO A 27 -1.61 5.49 6.29
N GLN A 28 -2.54 5.07 5.44
CA GLN A 28 -3.65 5.92 5.00
C GLN A 28 -4.92 5.09 4.85
N GLY A 29 -5.03 4.38 3.74
CA GLY A 29 -6.19 3.56 3.49
C GLY A 29 -7.34 4.40 2.94
N ARG A 1 1.08 0.87 -12.83
CA ARG A 1 1.99 -0.29 -12.75
C ARG A 1 3.01 -0.07 -11.64
N LYS A 2 2.93 -0.90 -10.61
CA LYS A 2 3.81 -0.78 -9.46
C LYS A 2 4.57 -2.08 -9.26
N CYS A 3 5.33 -2.15 -8.16
CA CYS A 3 6.05 -3.37 -7.83
C CYS A 3 5.09 -4.49 -7.44
N ASN A 4 4.69 -4.52 -6.18
CA ASN A 4 3.71 -5.49 -5.70
C ASN A 4 3.39 -5.24 -4.23
N PHE A 5 4.14 -5.88 -3.35
CA PHE A 5 3.94 -5.75 -1.92
C PHE A 5 4.75 -4.57 -1.38
N LEU A 6 4.16 -3.86 -0.42
CA LEU A 6 4.73 -2.60 0.10
C LEU A 6 4.74 -1.58 -1.03
N CYS A 7 3.67 -1.59 -1.83
CA CYS A 7 3.59 -0.79 -3.05
C CYS A 7 2.15 -0.43 -3.40
N LYS A 8 1.24 -1.37 -3.16
CA LYS A 8 -0.14 -1.25 -3.61
C LYS A 8 -0.95 -2.40 -3.03
N LEU A 9 -0.31 -3.56 -2.97
CA LEU A 9 -0.88 -4.74 -2.33
C LEU A 9 -0.68 -4.69 -0.81
N LYS A 10 0.57 -4.65 -0.39
CA LYS A 10 0.89 -4.30 0.99
C LYS A 10 1.33 -2.84 0.99
N GLU A 11 1.50 -2.26 2.16
CA GLU A 11 1.54 -0.80 2.25
C GLU A 11 2.92 -0.22 2.54
N LYS A 12 2.92 1.10 2.62
CA LYS A 12 4.08 1.92 2.93
C LYS A 12 3.67 3.37 2.73
N LEU A 13 4.45 4.31 3.24
CA LEU A 13 4.09 5.71 3.22
C LEU A 13 3.96 6.25 1.80
N ARG A 14 2.73 6.26 1.28
CA ARG A 14 2.46 6.87 -0.02
C ARG A 14 1.07 7.50 -0.02
N THR A 15 0.18 6.96 0.82
CA THR A 15 -1.10 7.60 1.12
C THR A 15 -2.10 7.58 -0.04
N VAL A 16 -1.65 7.23 -1.25
CA VAL A 16 -2.55 7.19 -2.40
C VAL A 16 -2.49 5.85 -3.13
N ILE A 17 -1.48 5.67 -3.98
CA ILE A 17 -1.34 4.43 -4.73
C ILE A 17 -1.20 3.24 -3.79
N THR A 18 -0.31 3.36 -2.83
CA THR A 18 -0.06 2.29 -1.90
C THR A 18 -1.19 2.14 -0.89
N SER A 19 -1.97 3.19 -0.72
CA SER A 19 -3.06 3.16 0.23
C SER A 19 -4.28 2.45 -0.38
N HIS A 20 -4.07 1.81 -1.52
CA HIS A 20 -5.10 1.03 -2.19
C HIS A 20 -5.49 -0.19 -1.34
N ILE A 21 -4.53 -1.06 -1.12
CA ILE A 21 -4.71 -2.24 -0.28
C ILE A 21 -3.49 -2.38 0.62
N ASP A 22 -3.67 -2.96 1.80
CA ASP A 22 -2.56 -3.01 2.75
C ASP A 22 -2.60 -4.30 3.57
N LYS A 23 -1.82 -4.34 4.65
CA LYS A 23 -1.79 -5.48 5.57
C LYS A 23 -3.08 -5.57 6.39
N VAL A 24 -4.03 -4.69 6.09
CA VAL A 24 -5.31 -4.61 6.79
C VAL A 24 -5.11 -3.93 8.15
N LEU A 25 -4.25 -2.92 8.14
CA LEU A 25 -4.02 -2.06 9.30
C LEU A 25 -4.03 -0.60 8.87
N ARG A 26 -3.02 -0.19 8.10
CA ARG A 26 -2.95 1.18 7.61
C ARG A 26 -2.28 1.25 6.24
N PRO A 27 -3.07 1.46 5.17
CA PRO A 27 -2.57 1.57 3.80
C PRO A 27 -1.67 2.79 3.59
N GLN A 28 -1.73 3.73 4.52
CA GLN A 28 -0.90 4.92 4.46
C GLN A 28 0.52 4.64 4.92
N GLY A 29 0.72 3.43 5.46
CA GLY A 29 2.02 3.01 5.90
C GLY A 29 2.46 3.70 7.17
N ARG A 1 0.70 1.17 -11.57
CA ARG A 1 1.78 0.74 -10.68
C ARG A 1 1.28 -0.38 -9.80
N LYS A 2 2.08 -1.43 -9.68
CA LYS A 2 1.70 -2.58 -8.88
C LYS A 2 2.90 -3.52 -8.78
N CYS A 3 4.05 -2.95 -8.44
CA CYS A 3 5.31 -3.68 -8.42
C CYS A 3 5.44 -4.55 -7.17
N ASN A 4 4.54 -5.52 -7.03
CA ASN A 4 4.58 -6.51 -5.96
C ASN A 4 4.27 -5.89 -4.61
N PHE A 5 4.60 -6.59 -3.55
CA PHE A 5 4.37 -6.10 -2.19
C PHE A 5 5.19 -4.86 -1.91
N LEU A 6 4.73 -4.09 -0.91
CA LEU A 6 5.31 -2.79 -0.59
C LEU A 6 5.24 -1.86 -1.80
N CYS A 7 4.19 -2.00 -2.59
CA CYS A 7 4.03 -1.26 -3.83
C CYS A 7 2.55 -1.13 -4.15
N LYS A 8 1.89 -2.28 -4.34
CA LYS A 8 0.44 -2.33 -4.42
C LYS A 8 -0.03 -3.77 -4.14
N LEU A 9 0.53 -4.34 -3.08
CA LEU A 9 0.22 -5.71 -2.66
C LEU A 9 0.32 -5.84 -1.13
N LYS A 10 1.28 -5.14 -0.53
CA LYS A 10 1.46 -5.18 0.93
C LYS A 10 1.48 -3.75 1.50
N GLU A 11 2.35 -2.92 0.93
CA GLU A 11 2.44 -1.50 1.26
C GLU A 11 2.89 -1.23 2.68
N LYS A 12 3.00 0.05 3.01
CA LYS A 12 3.56 0.46 4.28
C LYS A 12 2.93 1.78 4.75
N LEU A 13 2.95 2.79 3.87
CA LEU A 13 2.39 4.12 4.16
C LEU A 13 2.84 5.09 3.07
N ARG A 14 1.89 5.81 2.48
CA ARG A 14 2.24 6.80 1.48
C ARG A 14 1.07 7.75 1.24
N THR A 15 0.20 7.40 0.28
CA THR A 15 -0.90 8.28 -0.08
C THR A 15 -2.09 7.46 -0.61
N VAL A 16 -1.88 6.66 -1.65
CA VAL A 16 -2.96 5.90 -2.26
C VAL A 16 -2.44 4.60 -2.88
N ILE A 17 -1.66 4.71 -3.94
CA ILE A 17 -1.19 3.54 -4.67
C ILE A 17 -0.16 2.77 -3.84
N THR A 18 0.72 3.51 -3.17
CA THR A 18 1.78 2.93 -2.39
C THR A 18 1.27 2.64 -0.97
N SER A 19 -0.03 2.82 -0.82
CA SER A 19 -0.74 2.47 0.39
C SER A 19 -2.17 2.04 0.02
N HIS A 20 -2.28 1.00 -0.81
CA HIS A 20 -3.54 0.62 -1.41
C HIS A 20 -3.99 -0.75 -0.91
N ILE A 21 -3.28 -1.79 -1.31
CA ILE A 21 -3.60 -3.13 -0.85
C ILE A 21 -2.75 -3.42 0.38
N ASP A 22 -2.77 -2.44 1.28
CA ASP A 22 -2.02 -2.48 2.52
C ASP A 22 -2.40 -3.70 3.33
N LYS A 23 -1.51 -4.06 4.25
CA LYS A 23 -1.75 -5.15 5.20
C LYS A 23 -2.91 -4.85 6.15
N VAL A 24 -3.62 -3.75 5.86
CA VAL A 24 -4.78 -3.33 6.63
C VAL A 24 -4.34 -2.85 8.01
N LEU A 25 -3.32 -2.00 8.00
CA LEU A 25 -2.80 -1.41 9.23
C LEU A 25 -2.87 0.10 9.16
N ARG A 26 -2.49 0.67 8.02
CA ARG A 26 -2.57 2.13 7.86
C ARG A 26 -2.69 2.55 6.39
N PRO A 27 -3.71 2.07 5.66
CA PRO A 27 -3.97 2.53 4.30
C PRO A 27 -4.28 4.02 4.27
N GLN A 28 -3.48 4.77 3.52
CA GLN A 28 -3.64 6.22 3.47
C GLN A 28 -4.71 6.62 2.48
N GLY A 29 -5.00 5.74 1.54
CA GLY A 29 -6.02 6.04 0.55
C GLY A 29 -7.33 5.36 0.87
N ARG A 1 0.68 -0.89 -11.91
CA ARG A 1 1.85 -1.79 -12.06
C ARG A 1 2.93 -1.40 -11.06
N LYS A 2 2.84 -1.97 -9.87
CA LYS A 2 3.79 -1.65 -8.80
C LYS A 2 4.47 -2.94 -8.32
N CYS A 3 5.41 -2.80 -7.40
CA CYS A 3 6.16 -3.93 -6.88
C CYS A 3 5.38 -4.70 -5.81
N ASN A 4 4.06 -4.77 -5.98
CA ASN A 4 3.17 -5.49 -5.07
C ASN A 4 3.28 -4.98 -3.65
N PHE A 5 4.03 -5.67 -2.81
CA PHE A 5 4.09 -5.36 -1.40
C PHE A 5 4.96 -4.12 -1.14
N LEU A 6 4.52 -3.32 -0.19
CA LEU A 6 5.12 -2.00 0.10
C LEU A 6 5.11 -1.12 -1.15
N CYS A 7 4.09 -1.26 -1.97
CA CYS A 7 4.08 -0.62 -3.29
C CYS A 7 2.65 -0.36 -3.75
N LYS A 8 1.85 -1.40 -3.69
CA LYS A 8 0.40 -1.28 -3.82
C LYS A 8 -0.24 -2.06 -2.68
N LEU A 9 0.48 -3.09 -2.26
CA LEU A 9 0.11 -3.94 -1.14
C LEU A 9 1.08 -3.70 0.01
N LYS A 10 1.18 -4.68 0.92
CA LYS A 10 1.67 -4.52 2.31
C LYS A 10 1.52 -3.11 2.86
N GLU A 11 2.30 -2.17 2.31
CA GLU A 11 2.19 -0.75 2.61
C GLU A 11 3.00 -0.36 3.84
N LYS A 12 3.34 0.91 3.93
CA LYS A 12 4.17 1.41 5.00
C LYS A 12 3.82 2.87 5.30
N LEU A 13 3.79 3.69 4.25
CA LEU A 13 3.55 5.14 4.35
C LEU A 13 3.89 5.79 3.01
N ARG A 14 2.89 6.42 2.39
CA ARG A 14 3.10 7.13 1.13
C ARG A 14 1.85 7.92 0.78
N THR A 15 0.69 7.31 0.96
CA THR A 15 -0.59 7.97 0.76
C THR A 15 -0.84 8.23 -0.72
N VAL A 16 -1.31 7.18 -1.41
CA VAL A 16 -1.62 7.24 -2.83
C VAL A 16 -1.89 5.80 -3.30
N ILE A 17 -1.69 5.49 -4.59
CA ILE A 17 -1.87 4.13 -5.10
C ILE A 17 -1.00 3.13 -4.32
N THR A 18 0.13 3.63 -3.82
CA THR A 18 0.98 2.86 -2.93
C THR A 18 0.19 2.41 -1.71
N SER A 19 -0.28 3.40 -0.96
CA SER A 19 -1.13 3.16 0.18
C SER A 19 -2.57 2.82 -0.22
N HIS A 20 -2.74 1.83 -1.10
CA HIS A 20 -4.07 1.41 -1.49
C HIS A 20 -4.45 0.10 -0.82
N ILE A 21 -3.63 -0.92 -1.02
CA ILE A 21 -3.84 -2.21 -0.41
C ILE A 21 -2.86 -2.39 0.74
N ASP A 22 -3.28 -3.03 1.80
CA ASP A 22 -2.44 -3.18 2.97
C ASP A 22 -2.24 -4.65 3.28
N LYS A 23 -1.18 -4.95 4.03
CA LYS A 23 -0.96 -6.31 4.54
C LYS A 23 -2.10 -6.73 5.47
N VAL A 24 -2.77 -5.75 6.08
CA VAL A 24 -3.93 -6.01 6.90
C VAL A 24 -5.00 -4.98 6.59
N LEU A 25 -4.85 -3.77 7.14
CA LEU A 25 -5.76 -2.68 6.85
C LEU A 25 -5.37 -1.41 7.63
N ARG A 26 -4.25 -0.79 7.24
CA ARG A 26 -3.99 0.58 7.69
C ARG A 26 -3.30 1.42 6.59
N PRO A 27 -3.77 1.34 5.33
CA PRO A 27 -3.11 2.04 4.24
C PRO A 27 -3.31 3.55 4.35
N GLN A 28 -2.26 4.31 4.07
CA GLN A 28 -2.29 5.75 4.30
C GLN A 28 -3.11 6.51 3.26
N GLY A 29 -3.60 5.82 2.23
CA GLY A 29 -4.37 6.48 1.20
C GLY A 29 -5.75 5.90 1.06
N ARG A 1 -0.49 0.24 -11.79
CA ARG A 1 0.45 -0.91 -11.82
C ARG A 1 1.75 -0.55 -11.12
N LYS A 2 2.16 -1.40 -10.19
CA LYS A 2 3.34 -1.15 -9.37
C LYS A 2 4.06 -2.45 -9.06
N CYS A 3 4.83 -2.45 -7.98
CA CYS A 3 5.53 -3.64 -7.51
C CYS A 3 4.55 -4.59 -6.82
N ASN A 4 5.08 -5.53 -6.05
CA ASN A 4 4.25 -6.46 -5.32
C ASN A 4 4.00 -5.95 -3.90
N PHE A 5 4.95 -6.18 -3.01
CA PHE A 5 4.78 -5.81 -1.61
C PHE A 5 5.41 -4.47 -1.32
N LEU A 6 4.89 -3.81 -0.29
CA LEU A 6 5.30 -2.46 0.09
C LEU A 6 5.29 -1.54 -1.13
N CYS A 7 4.22 -1.62 -1.91
CA CYS A 7 4.16 -0.88 -3.17
C CYS A 7 2.72 -0.75 -3.66
N LYS A 8 1.83 -1.59 -3.13
CA LYS A 8 0.41 -1.56 -3.47
C LYS A 8 -0.35 -2.65 -2.71
N LEU A 9 0.38 -3.69 -2.33
CA LEU A 9 -0.23 -4.87 -1.71
C LEU A 9 0.00 -4.94 -0.21
N LYS A 10 1.26 -5.00 0.21
CA LYS A 10 1.56 -5.07 1.63
C LYS A 10 1.41 -3.71 2.31
N GLU A 11 1.59 -2.64 1.52
CA GLU A 11 1.40 -1.26 1.98
C GLU A 11 2.58 -0.78 2.83
N LYS A 12 2.95 0.49 2.66
CA LYS A 12 4.12 1.04 3.33
C LYS A 12 3.84 2.42 3.94
N LEU A 13 2.56 2.74 4.12
CA LEU A 13 2.13 4.08 4.54
C LEU A 13 2.73 5.16 3.66
N ARG A 14 2.46 5.08 2.37
CA ARG A 14 3.00 6.05 1.43
C ARG A 14 2.04 7.24 1.26
N THR A 15 0.95 7.03 0.52
CA THR A 15 0.00 8.11 0.30
C THR A 15 -1.37 7.55 -0.09
N VAL A 16 -1.43 6.77 -1.18
CA VAL A 16 -2.71 6.36 -1.77
C VAL A 16 -2.60 4.98 -2.44
N ILE A 17 -1.94 4.91 -3.59
CA ILE A 17 -1.88 3.67 -4.38
C ILE A 17 -0.83 2.73 -3.82
N THR A 18 0.31 3.28 -3.45
CA THR A 18 1.38 2.49 -2.85
C THR A 18 0.94 2.02 -1.47
N SER A 19 -0.17 2.59 -1.03
CA SER A 19 -0.80 2.23 0.22
C SER A 19 -2.26 1.80 -0.02
N HIS A 20 -2.52 1.17 -1.17
CA HIS A 20 -3.88 0.78 -1.53
C HIS A 20 -4.32 -0.43 -0.73
N ILE A 21 -3.78 -1.58 -1.06
CA ILE A 21 -4.05 -2.79 -0.31
C ILE A 21 -3.06 -2.86 0.84
N ASP A 22 -3.46 -3.50 1.93
CA ASP A 22 -2.70 -3.43 3.16
C ASP A 22 -2.68 -4.79 3.87
N LYS A 23 -1.59 -5.07 4.55
CA LYS A 23 -1.46 -6.32 5.32
C LYS A 23 -2.26 -6.30 6.63
N VAL A 24 -2.80 -5.14 7.01
CA VAL A 24 -3.54 -5.04 8.28
C VAL A 24 -4.62 -3.96 8.21
N LEU A 25 -4.53 -3.12 7.18
CA LEU A 25 -5.45 -2.02 6.92
C LEU A 25 -5.12 -0.82 7.81
N ARG A 26 -3.96 -0.21 7.56
CA ARG A 26 -3.56 0.99 8.27
C ARG A 26 -3.33 2.20 7.34
N PRO A 27 -3.70 2.17 6.03
CA PRO A 27 -3.12 3.10 5.06
C PRO A 27 -3.60 4.54 5.27
N GLN A 28 -2.85 5.49 4.70
CA GLN A 28 -3.17 6.90 4.86
C GLN A 28 -3.89 7.45 3.63
N GLY A 29 -4.60 6.58 2.93
CA GLY A 29 -5.31 6.98 1.74
C GLY A 29 -6.71 7.44 2.05
N ARG A 1 1.63 3.62 -9.52
CA ARG A 1 2.67 2.59 -9.75
C ARG A 1 2.37 1.34 -8.93
N LYS A 2 1.62 0.41 -9.51
CA LYS A 2 1.32 -0.85 -8.83
C LYS A 2 2.42 -1.85 -9.16
N CYS A 3 2.86 -2.60 -8.16
CA CYS A 3 3.88 -3.61 -8.40
C CYS A 3 3.63 -4.88 -7.57
N ASN A 4 4.06 -4.89 -6.31
CA ASN A 4 3.91 -6.09 -5.49
C ASN A 4 3.64 -5.74 -4.02
N PHE A 5 4.19 -6.52 -3.10
CA PHE A 5 4.03 -6.24 -1.68
C PHE A 5 4.80 -4.98 -1.30
N LEU A 6 4.29 -4.28 -0.29
CA LEU A 6 4.80 -2.96 0.10
C LEU A 6 4.74 -2.03 -1.10
N CYS A 7 3.55 -1.87 -1.67
CA CYS A 7 3.40 -1.23 -2.98
C CYS A 7 1.92 -1.00 -3.28
N LYS A 8 1.14 -2.05 -3.11
CA LYS A 8 -0.32 -1.99 -3.19
C LYS A 8 -0.87 -3.15 -2.40
N LEU A 9 -0.21 -4.29 -2.57
CA LEU A 9 -0.52 -5.50 -1.83
C LEU A 9 -0.35 -5.25 -0.33
N LYS A 10 0.88 -4.95 0.08
CA LYS A 10 1.14 -4.49 1.44
C LYS A 10 1.50 -3.02 1.39
N GLU A 11 1.96 -2.47 2.50
CA GLU A 11 2.02 -1.02 2.64
C GLU A 11 3.41 -0.40 2.45
N LYS A 12 3.40 0.90 2.26
CA LYS A 12 4.59 1.73 2.28
C LYS A 12 4.15 3.16 2.54
N LEU A 13 5.10 4.09 2.62
CA LEU A 13 4.76 5.48 2.85
C LEU A 13 4.24 6.12 1.56
N ARG A 14 2.97 5.89 1.25
CA ARG A 14 2.37 6.43 0.04
C ARG A 14 1.02 7.07 0.27
N THR A 15 0.14 6.37 1.02
CA THR A 15 -1.14 6.92 1.43
C THR A 15 -2.14 7.01 0.25
N VAL A 16 -1.68 6.66 -0.95
CA VAL A 16 -2.57 6.62 -2.11
C VAL A 16 -2.51 5.27 -2.82
N ILE A 17 -1.54 5.07 -3.71
CA ILE A 17 -1.45 3.85 -4.51
C ILE A 17 -1.34 2.62 -3.61
N THR A 18 -0.50 2.73 -2.60
CA THR A 18 -0.26 1.62 -1.70
C THR A 18 -1.41 1.49 -0.73
N SER A 19 -2.01 2.62 -0.46
CA SER A 19 -3.19 2.68 0.38
C SER A 19 -4.42 2.21 -0.38
N HIS A 20 -4.19 1.46 -1.45
CA HIS A 20 -5.28 0.87 -2.20
C HIS A 20 -5.76 -0.40 -1.52
N ILE A 21 -4.83 -1.19 -0.97
CA ILE A 21 -5.18 -2.42 -0.30
C ILE A 21 -4.55 -2.51 1.09
N ASP A 22 -3.23 -2.68 1.12
CA ASP A 22 -2.47 -2.91 2.37
C ASP A 22 -2.80 -4.27 2.97
N LYS A 23 -1.89 -4.77 3.78
CA LYS A 23 -2.08 -6.05 4.44
C LYS A 23 -3.23 -5.98 5.46
N VAL A 24 -3.57 -4.77 5.93
CA VAL A 24 -4.69 -4.60 6.85
C VAL A 24 -5.41 -3.27 6.59
N LEU A 25 -4.86 -2.17 7.12
CA LEU A 25 -5.46 -0.85 6.99
C LEU A 25 -4.55 0.24 7.58
N ARG A 26 -3.27 0.17 7.29
CA ARG A 26 -2.34 1.21 7.74
C ARG A 26 -1.31 1.54 6.65
N PRO A 27 -1.79 1.89 5.45
CA PRO A 27 -0.94 2.01 4.27
C PRO A 27 -0.24 3.36 4.16
N GLN A 28 0.28 3.85 5.28
CA GLN A 28 1.02 5.10 5.29
C GLN A 28 2.49 4.84 5.61
N GLY A 29 2.82 3.58 5.84
CA GLY A 29 4.20 3.19 6.08
C GLY A 29 4.49 2.98 7.55
N ARG A 1 -0.77 0.50 -11.12
CA ARG A 1 0.36 -0.44 -11.32
C ARG A 1 0.48 -1.37 -10.12
N LYS A 2 0.35 -2.67 -10.35
CA LYS A 2 0.48 -3.64 -9.26
C LYS A 2 1.91 -4.13 -9.19
N CYS A 3 2.79 -3.26 -8.70
CA CYS A 3 4.21 -3.54 -8.60
C CYS A 3 4.48 -4.77 -7.74
N ASN A 4 4.31 -4.65 -6.43
CA ASN A 4 4.60 -5.73 -5.50
C ASN A 4 4.28 -5.31 -4.07
N PHE A 5 4.75 -6.09 -3.12
CA PHE A 5 4.62 -5.74 -1.72
C PHE A 5 5.31 -4.43 -1.42
N LEU A 6 4.86 -3.79 -0.35
CA LEU A 6 5.32 -2.46 0.01
C LEU A 6 5.17 -1.48 -1.16
N CYS A 7 4.11 -1.65 -1.96
CA CYS A 7 3.93 -0.87 -3.17
C CYS A 7 2.46 -0.87 -3.62
N LYS A 8 1.84 -2.05 -3.71
CA LYS A 8 0.40 -2.17 -3.92
C LYS A 8 -0.07 -3.56 -3.50
N LEU A 9 0.51 -4.05 -2.41
CA LEU A 9 0.20 -5.37 -1.86
C LEU A 9 0.20 -5.34 -0.32
N LYS A 10 1.34 -4.99 0.29
CA LYS A 10 1.46 -4.96 1.76
C LYS A 10 1.62 -3.53 2.29
N GLU A 11 2.54 -2.78 1.70
CA GLU A 11 2.68 -1.34 1.95
C GLU A 11 3.17 -0.97 3.33
N LYS A 12 3.43 0.32 3.49
CA LYS A 12 3.98 0.86 4.71
C LYS A 12 3.40 2.25 4.99
N LEU A 13 3.24 3.04 3.92
CA LEU A 13 2.62 4.36 4.00
C LEU A 13 2.53 4.95 2.59
N ARG A 14 3.03 6.18 2.41
CA ARG A 14 3.07 6.87 1.11
C ARG A 14 1.69 7.39 0.69
N THR A 15 0.63 6.83 1.27
CA THR A 15 -0.75 7.35 1.13
C THR A 15 -1.10 7.72 -0.32
N VAL A 16 -1.43 6.69 -1.10
CA VAL A 16 -1.66 6.85 -2.54
C VAL A 16 -1.93 5.45 -3.12
N ILE A 17 -1.64 5.24 -4.41
CA ILE A 17 -1.73 3.90 -5.00
C ILE A 17 -0.95 2.90 -4.16
N THR A 18 0.12 3.38 -3.51
CA THR A 18 0.91 2.56 -2.61
C THR A 18 0.02 1.99 -1.53
N SER A 19 -0.27 2.80 -0.51
CA SER A 19 -1.08 2.38 0.63
C SER A 19 -2.54 2.18 0.22
N HIS A 20 -2.77 1.23 -0.66
CA HIS A 20 -4.08 1.01 -1.23
C HIS A 20 -4.62 -0.34 -0.78
N ILE A 21 -3.91 -1.40 -1.09
CA ILE A 21 -4.30 -2.71 -0.60
C ILE A 21 -3.86 -2.83 0.84
N ASP A 22 -2.54 -2.76 1.06
CA ASP A 22 -1.98 -2.66 2.41
C ASP A 22 -2.22 -3.96 3.20
N LYS A 23 -1.28 -4.29 4.09
CA LYS A 23 -1.47 -5.42 4.99
C LYS A 23 -2.46 -5.10 6.11
N VAL A 24 -3.34 -4.12 5.83
CA VAL A 24 -4.43 -3.74 6.72
C VAL A 24 -3.88 -3.24 8.06
N LEU A 25 -3.32 -2.06 8.05
CA LEU A 25 -2.86 -1.43 9.28
C LEU A 25 -2.95 0.09 9.17
N ARG A 26 -2.67 0.62 7.98
CA ARG A 26 -2.85 2.06 7.73
C ARG A 26 -3.01 2.37 6.24
N PRO A 27 -4.01 1.77 5.56
CA PRO A 27 -4.28 2.09 4.15
C PRO A 27 -4.86 3.49 4.00
N GLN A 28 -4.15 4.38 3.33
CA GLN A 28 -4.59 5.76 3.21
C GLN A 28 -4.84 6.14 1.75
N GLY A 29 -4.82 5.16 0.86
CA GLY A 29 -5.00 5.45 -0.55
C GLY A 29 -6.08 4.60 -1.18
#